data_3TH6
#
_entry.id   3TH6
#
_cell.length_a   53.384
_cell.length_b   53.384
_cell.length_c   278.775
_cell.angle_alpha   90.000
_cell.angle_beta   90.000
_cell.angle_gamma   120.000
#
_symmetry.space_group_name_H-M   'P 65'
#
loop_
_entity.id
_entity.type
_entity.pdbx_description
1 polymer 'Triosephosphate isomerase'
2 water water
#
_entity_poly.entity_id   1
_entity_poly.type   'polypeptide(L)'
_entity_poly.pdbx_seq_one_letter_code
;MAARRFCVGGNWKMHGSKNSIRDICNTLKGASLDPNVEVIVACPAPYLDYCRSLLPPSVALAAQNCYKVEQGAFTGEISP
GMIKDCGGQWVILGHSERRHVFKEDDVLIGEKIKHALESGLNVIACIGELLEDREAGRTEEVCFRQIKHIASNVKDWSKV
VIAYEPVWAIGTGKTATPDQAQEVHSKVRNWLSTNVSADVASKVRIQYGGSVNAGNCKELGRKPDIDGFLVGGASLKPEF
VQIINAMQG
;
_entity_poly.pdbx_strand_id   A,B
#
# COMPACT_ATOMS: atom_id res chain seq x y z
N ALA A 3 35.28 -6.98 -7.69
CA ALA A 3 34.85 -5.84 -6.84
C ALA A 3 33.43 -5.40 -7.18
N ARG A 4 32.55 -5.49 -6.20
CA ARG A 4 31.16 -5.10 -6.38
C ARG A 4 30.96 -3.70 -5.79
N ARG A 5 30.13 -2.88 -6.43
CA ARG A 5 29.90 -1.53 -5.93
C ARG A 5 29.01 -1.52 -4.68
N PHE A 6 29.55 -0.98 -3.59
CA PHE A 6 28.84 -0.89 -2.32
C PHE A 6 27.50 -0.18 -2.53
N CYS A 7 26.44 -0.76 -1.98
CA CYS A 7 25.09 -0.23 -2.12
C CYS A 7 24.35 -0.11 -0.80
N VAL A 8 23.94 1.11 -0.46
CA VAL A 8 23.24 1.38 0.79
C VAL A 8 21.82 1.86 0.55
N GLY A 9 20.85 1.13 1.07
CA GLY A 9 19.46 1.50 0.93
C GLY A 9 18.91 1.96 2.26
N GLY A 10 18.01 2.94 2.22
CA GLY A 10 17.39 3.45 3.42
C GLY A 10 15.90 3.24 3.35
N ASN A 11 15.38 2.37 4.21
CA ASN A 11 13.95 2.06 4.23
C ASN A 11 13.30 2.79 5.39
N TRP A 12 12.64 3.90 5.08
CA TRP A 12 11.96 4.72 6.08
C TRP A 12 10.76 4.02 6.68
N LYS A 13 10.24 3.00 5.98
CA LYS A 13 9.08 2.26 6.42
C LYS A 13 7.89 3.20 6.58
N MET A 14 7.05 2.98 7.59
CA MET A 14 5.90 3.85 7.76
C MET A 14 6.23 5.07 8.62
N HIS A 15 7.11 5.91 8.10
CA HIS A 15 7.51 7.12 8.79
C HIS A 15 7.63 8.25 7.77
N GLY A 16 7.30 9.45 8.19
CA GLY A 16 7.43 10.58 7.29
C GLY A 16 6.25 11.53 7.14
N SER A 17 6.59 12.80 7.06
CA SER A 17 5.65 13.89 6.86
C SER A 17 6.39 14.77 5.87
N LYS A 18 5.70 15.75 5.30
CA LYS A 18 6.36 16.64 4.35
C LYS A 18 7.49 17.39 5.06
N ASN A 19 7.29 17.66 6.36
CA ASN A 19 8.30 18.37 7.15
C ASN A 19 9.50 17.50 7.46
N SER A 20 9.26 16.33 8.05
CA SER A 20 10.32 15.41 8.44
C SER A 20 11.16 14.96 7.25
N ILE A 21 10.48 14.62 6.14
CA ILE A 21 11.17 14.19 4.93
C ILE A 21 12.04 15.29 4.32
N ARG A 22 11.59 16.54 4.43
CA ARG A 22 12.34 17.65 3.88
C ARG A 22 13.70 17.75 4.59
N ASP A 23 13.69 17.58 5.91
CA ASP A 23 14.93 17.63 6.69
C ASP A 23 15.95 16.57 6.28
N ILE A 24 15.50 15.34 6.16
CA ILE A 24 16.37 14.24 5.78
C ILE A 24 17.00 14.46 4.42
N CYS A 25 16.22 14.95 3.46
CA CYS A 25 16.73 15.21 2.13
C CYS A 25 17.77 16.32 2.18
N ASN A 26 17.50 17.37 2.96
CA ASN A 26 18.43 18.49 3.09
C ASN A 26 19.74 18.02 3.72
N THR A 27 19.63 17.08 4.65
CA THR A 27 20.81 16.52 5.30
C THR A 27 21.66 15.79 4.25
N LEU A 28 21.00 14.95 3.46
CA LEU A 28 21.67 14.18 2.40
C LEU A 28 22.23 15.10 1.33
N LYS A 29 21.44 16.12 0.97
CA LYS A 29 21.81 17.08 -0.04
C LYS A 29 23.01 17.90 0.45
N GLY A 30 23.03 18.21 1.74
CA GLY A 30 24.13 18.99 2.29
C GLY A 30 25.23 18.18 2.92
N ALA A 31 25.15 16.86 2.80
CA ALA A 31 26.16 15.98 3.38
C ALA A 31 27.33 15.71 2.43
N SER A 32 28.38 15.09 2.96
CA SER A 32 29.55 14.76 2.17
C SER A 32 29.53 13.25 2.00
N LEU A 33 28.95 12.81 0.89
CA LEU A 33 28.80 11.38 0.61
C LEU A 33 29.87 10.75 -0.28
N ASP A 34 30.36 9.58 0.12
CA ASP A 34 31.34 8.83 -0.64
C ASP A 34 30.70 8.54 -2.00
N PRO A 35 31.22 9.17 -3.07
CA PRO A 35 30.68 8.99 -4.43
C PRO A 35 30.72 7.57 -4.98
N ASN A 36 31.54 6.71 -4.38
CA ASN A 36 31.66 5.34 -4.82
C ASN A 36 30.40 4.54 -4.49
N VAL A 37 29.71 4.97 -3.45
CA VAL A 37 28.51 4.30 -3.00
C VAL A 37 27.24 4.62 -3.80
N GLU A 38 26.43 3.59 -4.05
CA GLU A 38 25.16 3.74 -4.74
C GLU A 38 24.14 3.83 -3.60
N VAL A 39 23.50 4.98 -3.44
CA VAL A 39 22.54 5.19 -2.37
C VAL A 39 21.09 5.23 -2.86
N ILE A 40 20.21 4.62 -2.06
CA ILE A 40 18.78 4.53 -2.35
C ILE A 40 17.97 4.77 -1.07
N VAL A 41 16.83 5.43 -1.19
CA VAL A 41 15.94 5.64 -0.04
C VAL A 41 14.52 5.26 -0.47
N ALA A 42 13.84 4.52 0.39
CA ALA A 42 12.48 4.06 0.13
C ALA A 42 11.50 4.81 1.00
N CYS A 43 10.67 5.65 0.38
CA CYS A 43 9.71 6.42 1.16
C CYS A 43 8.28 5.95 0.93
N PRO A 44 7.35 6.40 1.78
CA PRO A 44 5.94 6.01 1.65
C PRO A 44 5.40 6.53 0.31
N ALA A 45 4.63 5.71 -0.38
CA ALA A 45 4.06 6.07 -1.68
C ALA A 45 3.49 7.49 -1.80
N PRO A 46 2.86 8.02 -0.74
CA PRO A 46 2.30 9.37 -0.85
C PRO A 46 3.34 10.47 -1.11
N TYR A 47 4.59 10.21 -0.78
CA TYR A 47 5.65 11.21 -0.95
C TYR A 47 6.64 11.03 -2.08
N LEU A 48 6.44 10.03 -2.92
CA LEU A 48 7.37 9.77 -4.02
C LEU A 48 7.74 11.00 -4.83
N ASP A 49 6.75 11.62 -5.45
CA ASP A 49 6.96 12.80 -6.29
C ASP A 49 7.65 13.90 -5.48
N TYR A 50 7.26 14.05 -4.23
CA TYR A 50 7.82 15.05 -3.33
C TYR A 50 9.31 14.80 -2.99
N CYS A 51 9.66 13.56 -2.67
CA CYS A 51 11.05 13.23 -2.34
C CYS A 51 11.95 13.41 -3.54
N ARG A 52 11.47 13.03 -4.72
CA ARG A 52 12.28 13.13 -5.92
C ARG A 52 12.77 14.56 -6.16
N SER A 53 11.89 15.54 -5.99
CA SER A 53 12.28 16.93 -6.22
C SER A 53 13.22 17.52 -5.17
N LEU A 54 13.35 16.87 -4.02
CA LEU A 54 14.21 17.38 -2.95
C LEU A 54 15.50 16.58 -2.77
N LEU A 55 15.51 15.38 -3.34
CA LEU A 55 16.66 14.51 -3.23
C LEU A 55 17.76 14.88 -4.23
N PRO A 56 19.03 14.81 -3.81
CA PRO A 56 20.15 15.14 -4.70
C PRO A 56 20.27 14.00 -5.71
N PRO A 57 20.84 14.27 -6.89
CA PRO A 57 20.98 13.21 -7.89
C PRO A 57 21.81 11.99 -7.44
N SER A 58 22.48 12.11 -6.31
CA SER A 58 23.30 11.00 -5.81
C SER A 58 22.48 9.94 -5.05
N VAL A 59 21.23 10.25 -4.73
CA VAL A 59 20.35 9.31 -4.02
C VAL A 59 19.20 8.92 -4.92
N ALA A 60 19.02 7.62 -5.18
CA ALA A 60 17.93 7.14 -6.02
C ALA A 60 16.68 6.92 -5.16
N LEU A 61 15.52 7.04 -5.79
CA LEU A 61 14.24 6.89 -5.09
C LEU A 61 13.61 5.51 -5.26
N ALA A 62 13.13 4.96 -4.15
CA ALA A 62 12.50 3.65 -4.16
C ALA A 62 11.14 3.65 -3.49
N ALA A 63 10.31 2.71 -3.92
CA ALA A 63 9.00 2.52 -3.33
C ALA A 63 9.20 1.34 -2.38
N GLN A 64 8.32 1.20 -1.39
CA GLN A 64 8.45 0.13 -0.42
C GLN A 64 7.70 -1.15 -0.81
N ASN A 65 7.00 -1.11 -1.93
CA ASN A 65 6.23 -2.27 -2.37
C ASN A 65 5.45 -1.92 -3.65
N CYS A 66 4.92 -2.92 -4.33
CA CYS A 66 4.12 -2.69 -5.53
C CYS A 66 3.38 -3.97 -5.90
N TYR A 67 2.41 -3.89 -6.80
CA TYR A 67 1.68 -5.09 -7.17
C TYR A 67 2.24 -5.68 -8.46
N LYS A 68 1.71 -6.82 -8.89
CA LYS A 68 2.21 -7.52 -10.07
C LYS A 68 1.63 -7.21 -11.45
N VAL A 69 0.79 -6.19 -11.55
CA VAL A 69 0.20 -5.81 -12.83
C VAL A 69 0.22 -4.30 -13.01
N GLU A 70 0.11 -3.84 -14.26
CA GLU A 70 0.13 -2.40 -14.55
C GLU A 70 -1.15 -1.67 -14.14
N GLN A 71 -2.30 -2.31 -14.36
CA GLN A 71 -3.60 -1.71 -14.08
C GLN A 71 -4.53 -2.77 -13.52
N GLY A 72 -5.60 -2.36 -12.84
CA GLY A 72 -6.51 -3.37 -12.32
C GLY A 72 -7.41 -3.03 -11.16
N ALA A 73 -8.29 -3.97 -10.83
CA ALA A 73 -9.23 -3.82 -9.73
C ALA A 73 -8.55 -4.30 -8.46
N PHE A 74 -7.55 -3.54 -8.02
CA PHE A 74 -6.82 -3.92 -6.81
C PHE A 74 -6.69 -2.68 -5.95
N THR A 75 -7.77 -2.41 -5.22
CA THR A 75 -7.88 -1.26 -4.34
C THR A 75 -6.71 -1.26 -3.35
N GLY A 76 -6.06 -0.11 -3.22
CA GLY A 76 -4.93 -0.01 -2.30
C GLY A 76 -3.57 -0.37 -2.88
N GLU A 77 -3.54 -0.95 -4.08
CA GLU A 77 -2.27 -1.32 -4.67
C GLU A 77 -1.74 -0.28 -5.65
N ILE A 78 -0.42 -0.22 -5.79
CA ILE A 78 0.21 0.70 -6.74
C ILE A 78 1.06 -0.16 -7.67
N SER A 79 1.36 0.34 -8.86
CA SER A 79 2.13 -0.45 -9.80
C SER A 79 3.46 0.21 -10.18
N PRO A 80 4.39 -0.58 -10.73
CA PRO A 80 5.70 -0.07 -11.15
C PRO A 80 5.51 1.18 -12.00
N GLY A 81 4.50 1.13 -12.88
CA GLY A 81 4.20 2.26 -13.75
C GLY A 81 3.96 3.56 -13.00
N MET A 82 3.17 3.52 -11.92
CA MET A 82 2.89 4.72 -11.14
C MET A 82 4.16 5.18 -10.43
N ILE A 83 4.93 4.21 -9.93
CA ILE A 83 6.17 4.49 -9.24
C ILE A 83 7.13 5.26 -10.14
N LYS A 84 7.33 4.75 -11.35
CA LYS A 84 8.20 5.40 -12.31
C LYS A 84 7.63 6.77 -12.71
N ASP A 85 6.31 6.83 -12.87
CA ASP A 85 5.64 8.06 -13.26
C ASP A 85 5.89 9.15 -12.21
N CYS A 86 6.23 8.74 -11.00
CA CYS A 86 6.49 9.68 -9.92
C CYS A 86 7.97 9.85 -9.56
N GLY A 87 8.85 9.44 -10.46
CA GLY A 87 10.28 9.61 -10.21
C GLY A 87 11.03 8.44 -9.59
N GLY A 88 10.33 7.37 -9.24
CA GLY A 88 10.97 6.21 -8.64
C GLY A 88 11.75 5.36 -9.62
N GLN A 89 12.83 4.76 -9.14
CA GLN A 89 13.66 3.90 -9.99
C GLN A 89 13.81 2.51 -9.39
N TRP A 90 13.48 2.39 -8.11
CA TRP A 90 13.61 1.13 -7.40
C TRP A 90 12.34 0.75 -6.66
N VAL A 91 12.27 -0.51 -6.26
CA VAL A 91 11.15 -1.01 -5.49
C VAL A 91 11.68 -2.13 -4.58
N ILE A 92 11.31 -2.09 -3.31
CA ILE A 92 11.73 -3.11 -2.36
C ILE A 92 10.65 -4.18 -2.46
N LEU A 93 11.07 -5.43 -2.59
CA LEU A 93 10.09 -6.50 -2.68
C LEU A 93 10.47 -7.68 -1.79
N GLY A 94 9.44 -8.30 -1.22
CA GLY A 94 9.66 -9.46 -0.37
C GLY A 94 10.18 -9.12 1.00
N HIS A 95 10.00 -7.87 1.43
CA HIS A 95 10.47 -7.48 2.74
C HIS A 95 9.81 -8.31 3.82
N SER A 96 10.58 -8.61 4.88
CA SER A 96 10.09 -9.41 5.99
C SER A 96 8.72 -9.00 6.53
N GLU A 97 8.45 -7.71 6.58
CA GLU A 97 7.15 -7.24 7.07
C GLU A 97 6.00 -7.62 6.13
N ARG A 98 6.24 -7.56 4.82
CA ARG A 98 5.21 -7.93 3.85
C ARG A 98 4.98 -9.45 3.92
N ARG A 99 6.07 -10.19 4.04
CA ARG A 99 6.01 -11.65 4.11
C ARG A 99 5.30 -12.15 5.38
N HIS A 100 5.73 -11.67 6.54
CA HIS A 100 5.16 -12.13 7.80
C HIS A 100 3.95 -11.37 8.34
N VAL A 101 3.98 -10.04 8.31
CA VAL A 101 2.86 -9.28 8.81
C VAL A 101 1.68 -9.33 7.84
N PHE A 102 1.97 -9.20 6.55
CA PHE A 102 0.91 -9.20 5.55
C PHE A 102 0.83 -10.45 4.68
N LYS A 103 1.42 -11.53 5.17
CA LYS A 103 1.37 -12.82 4.48
C LYS A 103 1.63 -12.80 2.97
N GLU A 104 2.60 -12.08 2.50
CA GLU A 104 2.87 -12.09 1.07
C GLU A 104 3.72 -13.34 0.88
N ASP A 105 3.34 -14.19 -0.07
CA ASP A 105 4.06 -15.44 -0.28
C ASP A 105 5.04 -15.43 -1.46
N ASP A 106 5.92 -16.43 -1.47
CA ASP A 106 6.95 -16.57 -2.49
C ASP A 106 6.54 -16.47 -3.96
N VAL A 107 5.44 -17.10 -4.34
CA VAL A 107 5.00 -17.03 -5.73
C VAL A 107 4.52 -15.62 -6.06
N LEU A 108 3.83 -14.98 -5.12
CA LEU A 108 3.33 -13.63 -5.34
C LEU A 108 4.52 -12.65 -5.47
N ILE A 109 5.49 -12.79 -4.56
CA ILE A 109 6.68 -11.95 -4.58
C ILE A 109 7.44 -12.19 -5.89
N GLY A 110 7.44 -13.43 -6.35
CA GLY A 110 8.11 -13.78 -7.59
C GLY A 110 7.49 -13.08 -8.78
N GLU A 111 6.16 -13.01 -8.81
CA GLU A 111 5.46 -12.35 -9.91
C GLU A 111 5.65 -10.84 -9.86
N LYS A 112 5.76 -10.27 -8.67
CA LYS A 112 5.96 -8.83 -8.52
C LYS A 112 7.35 -8.47 -9.05
N ILE A 113 8.34 -9.27 -8.68
CA ILE A 113 9.71 -9.04 -9.12
C ILE A 113 9.80 -9.07 -10.64
N LYS A 114 9.17 -10.07 -11.25
CA LYS A 114 9.21 -10.17 -12.71
C LYS A 114 8.53 -8.97 -13.39
N HIS A 115 7.39 -8.53 -12.85
CA HIS A 115 6.68 -7.40 -13.43
C HIS A 115 7.41 -6.08 -13.22
N ALA A 116 7.98 -5.89 -12.04
CA ALA A 116 8.71 -4.66 -11.74
C ALA A 116 9.90 -4.52 -12.71
N LEU A 117 10.60 -5.63 -12.93
CA LEU A 117 11.76 -5.62 -13.83
C LEU A 117 11.39 -5.30 -15.28
N GLU A 118 10.42 -6.01 -15.84
CA GLU A 118 10.02 -5.74 -17.23
C GLU A 118 9.48 -4.33 -17.40
N SER A 119 9.07 -3.72 -16.29
CA SER A 119 8.54 -2.36 -16.32
C SER A 119 9.65 -1.31 -16.29
N GLY A 120 10.89 -1.77 -16.13
CA GLY A 120 12.02 -0.85 -16.10
C GLY A 120 12.42 -0.38 -14.70
N LEU A 121 12.03 -1.11 -13.68
CA LEU A 121 12.35 -0.75 -12.30
C LEU A 121 13.47 -1.65 -11.77
N ASN A 122 14.29 -1.11 -10.87
CA ASN A 122 15.35 -1.92 -10.26
C ASN A 122 14.72 -2.51 -9.00
N VAL A 123 15.19 -3.68 -8.58
CA VAL A 123 14.62 -4.31 -7.40
C VAL A 123 15.58 -4.74 -6.31
N ILE A 124 15.19 -4.45 -5.08
CA ILE A 124 15.90 -4.89 -3.90
C ILE A 124 15.01 -6.03 -3.39
N ALA A 125 15.40 -7.26 -3.68
CA ALA A 125 14.64 -8.45 -3.28
C ALA A 125 15.13 -8.95 -1.92
N CYS A 126 14.21 -9.02 -0.96
CA CYS A 126 14.55 -9.45 0.40
C CYS A 126 14.25 -10.90 0.75
N ILE A 127 15.11 -11.47 1.58
CA ILE A 127 14.95 -12.82 2.06
C ILE A 127 15.30 -12.81 3.54
N GLY A 128 14.99 -13.89 4.26
CA GLY A 128 15.29 -13.95 5.69
C GLY A 128 14.48 -15.02 6.40
N GLU A 129 15.09 -15.69 7.37
CA GLU A 129 14.39 -16.74 8.12
C GLU A 129 13.95 -16.26 9.50
N LEU A 130 12.91 -16.91 10.03
CA LEU A 130 12.38 -16.56 11.34
C LEU A 130 13.21 -17.22 12.44
N LEU A 131 12.97 -16.83 13.68
CA LEU A 131 13.71 -17.40 14.81
C LEU A 131 13.37 -18.89 14.92
N GLU A 132 12.15 -19.24 14.50
CA GLU A 132 11.71 -20.62 14.54
C GLU A 132 12.55 -21.44 13.57
N ASP A 133 12.76 -20.91 12.37
CA ASP A 133 13.54 -21.59 11.33
C ASP A 133 15.00 -21.76 11.71
N ARG A 134 15.59 -20.71 12.28
CA ARG A 134 17.00 -20.77 12.67
C ARG A 134 17.28 -21.81 13.74
N GLU A 135 16.66 -21.65 14.91
CA GLU A 135 16.86 -22.59 16.01
C GLU A 135 16.43 -24.00 15.62
N ALA A 136 15.92 -24.17 14.40
CA ALA A 136 15.48 -25.48 13.90
C ALA A 136 16.44 -26.04 12.84
N GLY A 137 17.52 -25.32 12.59
CA GLY A 137 18.51 -25.77 11.62
C GLY A 137 18.08 -25.71 10.16
N ARG A 138 17.20 -24.77 9.83
CA ARG A 138 16.72 -24.63 8.47
C ARG A 138 16.81 -23.20 7.95
N THR A 139 17.85 -22.50 8.39
CA THR A 139 18.09 -21.13 7.95
C THR A 139 18.30 -21.18 6.44
N GLU A 140 19.07 -22.17 5.99
CA GLU A 140 19.38 -22.35 4.58
C GLU A 140 18.18 -22.74 3.74
N GLU A 141 17.44 -23.76 4.17
CA GLU A 141 16.30 -24.22 3.39
C GLU A 141 15.26 -23.13 3.17
N VAL A 142 15.14 -22.18 4.10
CA VAL A 142 14.19 -21.08 3.97
C VAL A 142 14.78 -20.04 3.02
N CYS A 143 16.03 -19.66 3.27
CA CYS A 143 16.71 -18.68 2.44
C CYS A 143 16.89 -19.14 1.00
N PHE A 144 17.04 -20.45 0.78
CA PHE A 144 17.22 -20.98 -0.56
C PHE A 144 15.89 -21.01 -1.32
N ARG A 145 14.81 -21.37 -0.63
CA ARG A 145 13.48 -21.40 -1.27
C ARG A 145 13.21 -20.00 -1.81
N GLN A 146 13.36 -19.00 -0.94
CA GLN A 146 13.12 -17.61 -1.30
C GLN A 146 14.00 -17.13 -2.44
N ILE A 147 15.29 -17.43 -2.38
CA ILE A 147 16.20 -17.00 -3.43
C ILE A 147 15.82 -17.72 -4.73
N LYS A 148 15.39 -18.98 -4.61
CA LYS A 148 14.98 -19.76 -5.77
C LYS A 148 13.86 -19.03 -6.51
N HIS A 149 12.79 -18.71 -5.79
CA HIS A 149 11.65 -18.01 -6.40
C HIS A 149 12.03 -16.64 -6.97
N ILE A 150 13.07 -16.02 -6.41
CA ILE A 150 13.55 -14.72 -6.89
C ILE A 150 14.32 -14.91 -8.20
N ALA A 151 15.33 -15.78 -8.16
CA ALA A 151 16.17 -16.06 -9.32
C ALA A 151 15.37 -16.51 -10.52
N SER A 152 14.32 -17.28 -10.27
CA SER A 152 13.45 -17.76 -11.34
C SER A 152 12.70 -16.66 -12.07
N ASN A 153 12.60 -15.48 -11.46
CA ASN A 153 11.90 -14.35 -12.04
C ASN A 153 12.83 -13.19 -12.41
N VAL A 154 14.13 -13.46 -12.44
CA VAL A 154 15.13 -12.46 -12.78
C VAL A 154 15.90 -12.93 -14.01
N LYS A 155 15.97 -12.08 -15.02
CA LYS A 155 16.66 -12.42 -16.25
C LYS A 155 17.82 -11.44 -16.50
N ASP A 156 17.79 -10.34 -15.78
CA ASP A 156 18.83 -9.32 -15.87
C ASP A 156 19.26 -8.94 -14.46
N TRP A 157 20.22 -9.70 -13.94
CA TRP A 157 20.73 -9.49 -12.59
C TRP A 157 21.36 -8.15 -12.30
N SER A 158 21.71 -7.39 -13.34
CA SER A 158 22.32 -6.09 -13.12
C SER A 158 21.30 -5.13 -12.50
N LYS A 159 20.02 -5.46 -12.64
CA LYS A 159 18.94 -4.62 -12.12
C LYS A 159 18.47 -5.02 -10.72
N VAL A 160 19.05 -6.07 -10.16
CA VAL A 160 18.63 -6.53 -8.85
C VAL A 160 19.71 -6.58 -7.77
N VAL A 161 19.28 -6.25 -6.55
CA VAL A 161 20.14 -6.27 -5.38
C VAL A 161 19.39 -7.12 -4.36
N ILE A 162 20.09 -8.02 -3.69
CA ILE A 162 19.48 -8.89 -2.71
C ILE A 162 19.82 -8.43 -1.30
N ALA A 163 18.81 -8.44 -0.43
CA ALA A 163 19.00 -8.02 0.95
C ALA A 163 18.64 -9.17 1.88
N TYR A 164 19.52 -9.46 2.84
CA TYR A 164 19.29 -10.52 3.81
C TYR A 164 18.83 -9.95 5.14
N GLU A 165 17.70 -10.44 5.63
CA GLU A 165 17.16 -9.97 6.91
C GLU A 165 17.17 -11.05 7.98
N PRO A 166 18.03 -10.90 9.00
CA PRO A 166 18.05 -11.92 10.05
C PRO A 166 16.81 -11.66 10.90
N VAL A 167 15.64 -11.89 10.32
CA VAL A 167 14.36 -11.67 10.98
C VAL A 167 14.38 -12.31 12.36
N TRP A 168 15.09 -13.43 12.44
CA TRP A 168 15.24 -14.20 13.67
C TRP A 168 15.90 -13.40 14.78
N ALA A 169 16.45 -12.25 14.44
CA ALA A 169 17.11 -11.39 15.43
C ALA A 169 16.42 -10.04 15.54
N ILE A 170 15.92 -9.53 14.41
CA ILE A 170 15.23 -8.25 14.39
C ILE A 170 13.88 -8.33 15.09
N GLY A 171 13.62 -9.48 15.71
CA GLY A 171 12.37 -9.68 16.42
C GLY A 171 12.51 -9.48 17.92
N THR A 175 19.95 -9.96 18.37
CA THR A 175 21.32 -9.64 18.00
C THR A 175 21.97 -10.80 17.25
N ALA A 176 22.64 -10.34 16.20
CA ALA A 176 23.33 -11.12 15.17
C ALA A 176 24.66 -10.42 14.88
N THR A 177 25.71 -11.23 14.93
CA THR A 177 27.07 -10.78 14.70
C THR A 177 27.45 -10.71 13.21
N PRO A 178 28.57 -10.03 12.92
CA PRO A 178 29.09 -9.88 11.57
C PRO A 178 29.49 -11.25 11.03
N ASP A 179 29.88 -12.15 11.93
CA ASP A 179 30.30 -13.49 11.53
C ASP A 179 29.16 -14.29 10.95
N GLN A 180 28.03 -14.32 11.67
CA GLN A 180 26.90 -15.07 11.18
C GLN A 180 26.27 -14.45 9.94
N ALA A 181 26.39 -13.13 9.80
CA ALA A 181 25.83 -12.45 8.64
C ALA A 181 26.66 -12.82 7.41
N GLN A 182 27.97 -12.83 7.57
CA GLN A 182 28.90 -13.18 6.51
C GLN A 182 28.67 -14.61 6.04
N GLU A 183 28.42 -15.51 7.00
CA GLU A 183 28.17 -16.92 6.67
C GLU A 183 26.93 -17.09 5.80
N VAL A 184 25.87 -16.35 6.09
CA VAL A 184 24.64 -16.45 5.30
C VAL A 184 24.86 -15.86 3.90
N HIS A 185 25.41 -14.65 3.84
CA HIS A 185 25.65 -14.04 2.53
C HIS A 185 26.49 -15.00 1.70
N SER A 186 27.49 -15.61 2.34
CA SER A 186 28.36 -16.56 1.67
C SER A 186 27.59 -17.73 1.06
N LYS A 187 26.69 -18.34 1.83
CA LYS A 187 25.91 -19.47 1.32
C LYS A 187 25.00 -19.03 0.17
N VAL A 188 24.34 -17.90 0.34
CA VAL A 188 23.46 -17.37 -0.71
C VAL A 188 24.24 -17.18 -1.99
N ARG A 189 25.43 -16.61 -1.89
CA ARG A 189 26.24 -16.39 -3.08
C ARG A 189 26.60 -17.73 -3.72
N ASN A 190 26.93 -18.73 -2.89
CA ASN A 190 27.26 -20.05 -3.43
C ASN A 190 26.02 -20.65 -4.10
N TRP A 191 24.85 -20.38 -3.55
CA TRP A 191 23.63 -20.92 -4.14
C TRP A 191 23.54 -20.37 -5.56
N LEU A 192 23.71 -19.06 -5.67
CA LEU A 192 23.67 -18.39 -6.96
C LEU A 192 24.75 -18.90 -7.92
N SER A 193 25.98 -19.02 -7.41
CA SER A 193 27.09 -19.48 -8.22
C SER A 193 26.83 -20.83 -8.87
N THR A 194 26.30 -21.76 -8.08
CA THR A 194 26.04 -23.09 -8.61
C THR A 194 24.70 -23.26 -9.33
N ASN A 195 23.66 -22.57 -8.87
CA ASN A 195 22.34 -22.69 -9.49
C ASN A 195 22.00 -21.68 -10.59
N VAL A 196 22.72 -20.55 -10.63
CA VAL A 196 22.48 -19.55 -11.66
C VAL A 196 23.72 -19.47 -12.55
N SER A 197 24.79 -18.88 -12.04
CA SER A 197 26.05 -18.79 -12.79
C SER A 197 27.13 -18.15 -11.93
N ALA A 198 28.38 -18.46 -12.23
CA ALA A 198 29.49 -17.90 -11.48
C ALA A 198 29.54 -16.38 -11.67
N ASP A 199 29.30 -15.95 -12.91
CA ASP A 199 29.33 -14.54 -13.26
C ASP A 199 28.32 -13.72 -12.45
N VAL A 200 27.07 -14.16 -12.47
CA VAL A 200 25.99 -13.51 -11.73
C VAL A 200 26.29 -13.46 -10.24
N ALA A 201 26.72 -14.59 -9.67
CA ALA A 201 27.05 -14.64 -8.24
C ALA A 201 28.22 -13.72 -7.93
N SER A 202 29.09 -13.52 -8.91
CA SER A 202 30.27 -12.68 -8.78
C SER A 202 29.95 -11.20 -8.70
N LYS A 203 28.93 -10.77 -9.43
CA LYS A 203 28.55 -9.38 -9.52
C LYS A 203 27.36 -8.92 -8.68
N VAL A 204 26.50 -9.84 -8.28
CA VAL A 204 25.32 -9.47 -7.52
C VAL A 204 25.65 -8.94 -6.12
N ARG A 205 25.06 -7.80 -5.77
CA ARG A 205 25.27 -7.20 -4.45
C ARG A 205 24.31 -7.85 -3.47
N ILE A 206 24.80 -8.16 -2.28
CA ILE A 206 23.98 -8.75 -1.23
C ILE A 206 24.11 -7.85 0.00
N GLN A 207 23.06 -7.07 0.27
CA GLN A 207 23.04 -6.15 1.40
C GLN A 207 22.65 -6.85 2.69
N TYR A 208 23.16 -6.33 3.80
CA TYR A 208 22.82 -6.85 5.11
C TYR A 208 21.63 -6.02 5.58
N GLY A 209 20.52 -6.70 5.84
CA GLY A 209 19.31 -6.01 6.28
C GLY A 209 19.07 -6.15 7.77
N GLY A 210 20.10 -6.51 8.51
CA GLY A 210 19.95 -6.63 9.94
C GLY A 210 19.98 -5.22 10.53
N SER A 211 20.10 -5.11 11.84
CA SER A 211 20.14 -3.79 12.45
C SER A 211 21.52 -3.19 12.22
N VAL A 212 21.55 -2.04 11.55
CA VAL A 212 22.81 -1.37 11.25
C VAL A 212 22.85 0.05 11.82
N ASN A 213 23.91 0.37 12.47
CA ASN A 213 24.21 1.64 13.04
C ASN A 213 25.59 2.14 12.80
N ALA A 214 25.90 3.38 13.13
CA ALA A 214 27.24 3.90 12.92
C ALA A 214 28.28 3.09 13.70
N GLY A 215 27.81 2.33 14.69
CA GLY A 215 28.71 1.54 15.51
C GLY A 215 29.22 0.24 14.90
N ASN A 216 28.43 -0.40 14.04
CA ASN A 216 28.83 -1.67 13.44
C ASN A 216 29.00 -1.66 11.92
N CYS A 217 28.43 -0.66 11.27
CA CYS A 217 28.48 -0.56 9.81
C CYS A 217 29.87 -0.76 9.22
N LYS A 218 30.88 -0.24 9.90
CA LYS A 218 32.25 -0.34 9.39
C LYS A 218 32.81 -1.75 9.35
N GLU A 219 32.53 -2.55 10.38
CA GLU A 219 33.06 -3.90 10.37
C GLU A 219 32.14 -4.87 9.63
N LEU A 220 30.85 -4.52 9.53
CA LEU A 220 29.91 -5.36 8.78
C LEU A 220 30.25 -5.20 7.30
N GLY A 221 30.58 -3.97 6.91
CA GLY A 221 30.91 -3.67 5.53
C GLY A 221 32.19 -4.30 5.00
N ARG A 222 33.16 -4.54 5.88
CA ARG A 222 34.42 -5.14 5.48
C ARG A 222 34.27 -6.63 5.17
N LYS A 223 33.17 -7.24 5.60
CA LYS A 223 32.92 -8.66 5.34
C LYS A 223 32.96 -8.86 3.84
N PRO A 224 33.76 -9.81 3.35
CA PRO A 224 33.89 -10.07 1.91
C PRO A 224 32.60 -10.29 1.12
N ASP A 225 31.59 -10.87 1.76
CA ASP A 225 30.33 -11.13 1.07
C ASP A 225 29.18 -10.18 1.39
N ILE A 226 29.49 -9.11 2.10
CA ILE A 226 28.48 -8.11 2.45
C ILE A 226 28.79 -6.91 1.57
N ASP A 227 27.88 -6.61 0.66
CA ASP A 227 28.08 -5.51 -0.28
C ASP A 227 27.27 -4.25 0.04
N GLY A 228 26.82 -4.12 1.27
CA GLY A 228 26.04 -2.93 1.61
C GLY A 228 25.04 -3.18 2.70
N PHE A 229 24.06 -2.28 2.81
CA PHE A 229 23.03 -2.38 3.82
C PHE A 229 21.66 -1.95 3.33
N LEU A 230 20.65 -2.41 4.05
CA LEU A 230 19.27 -2.02 3.83
C LEU A 230 18.97 -1.55 5.24
N VAL A 231 19.19 -0.27 5.48
CA VAL A 231 19.01 0.30 6.81
C VAL A 231 17.59 0.65 7.13
N GLY A 232 17.23 0.49 8.40
CA GLY A 232 15.88 0.79 8.85
C GLY A 232 15.76 2.13 9.56
N GLY A 233 15.61 2.08 10.88
CA GLY A 233 15.44 3.29 11.68
C GLY A 233 16.50 4.38 11.54
N ALA A 234 17.75 3.97 11.43
CA ALA A 234 18.86 4.90 11.29
C ALA A 234 18.83 5.71 9.99
N SER A 235 18.07 5.24 9.00
CA SER A 235 18.01 5.94 7.72
C SER A 235 17.20 7.22 7.82
N LEU A 236 16.62 7.45 9.01
CA LEU A 236 15.83 8.64 9.26
C LEU A 236 16.68 9.66 10.02
N LYS A 237 17.80 9.20 10.56
CA LYS A 237 18.69 10.05 11.34
C LYS A 237 19.96 10.44 10.58
N PRO A 238 20.71 11.42 11.12
CA PRO A 238 21.95 11.89 10.49
C PRO A 238 23.01 10.80 10.35
N GLU A 239 22.93 9.77 11.21
CA GLU A 239 23.91 8.69 11.15
C GLU A 239 23.84 7.93 9.83
N PHE A 240 22.72 8.06 9.11
CA PHE A 240 22.58 7.37 7.82
C PHE A 240 23.74 7.82 6.93
N VAL A 241 24.15 9.08 7.08
CA VAL A 241 25.27 9.61 6.29
C VAL A 241 26.55 8.82 6.60
N GLN A 242 26.79 8.60 7.88
CA GLN A 242 27.98 7.89 8.33
C GLN A 242 27.92 6.44 7.89
N ILE A 243 26.72 5.92 7.73
CA ILE A 243 26.57 4.54 7.33
C ILE A 243 26.86 4.41 5.86
N ILE A 244 26.50 5.45 5.11
CA ILE A 244 26.75 5.48 3.70
C ILE A 244 28.26 5.49 3.53
N ASN A 245 28.93 6.20 4.43
CA ASN A 245 30.38 6.36 4.35
C ASN A 245 31.16 5.21 5.02
N ALA A 246 30.48 4.11 5.29
CA ALA A 246 31.08 2.95 5.94
C ALA A 246 32.44 2.49 5.43
N MET A 247 32.66 2.56 4.12
CA MET A 247 33.93 2.10 3.55
C MET A 247 34.88 3.27 3.38
N GLN A 248 34.47 4.46 3.78
CA GLN A 248 35.45 5.50 3.64
C GLN A 248 36.60 5.23 4.63
N GLY A 249 37.81 5.29 4.04
CA GLY A 249 39.09 5.17 4.70
C GLY A 249 39.30 4.92 6.19
N ALA B 3 -34.26 11.89 4.84
CA ALA B 3 -33.43 13.09 5.18
C ALA B 3 -31.93 12.76 5.16
N ARG B 4 -31.53 11.83 4.31
CA ARG B 4 -30.11 11.48 4.21
C ARG B 4 -29.51 12.09 2.95
N ARG B 5 -28.34 12.70 3.09
CA ARG B 5 -27.70 13.33 1.94
C ARG B 5 -27.05 12.28 1.03
N PHE B 6 -27.46 12.28 -0.24
CA PHE B 6 -26.94 11.34 -1.24
C PHE B 6 -25.42 11.49 -1.30
N CYS B 7 -24.71 10.36 -1.24
CA CYS B 7 -23.25 10.36 -1.26
C CYS B 7 -22.69 9.45 -2.35
N VAL B 8 -21.89 10.01 -3.24
CA VAL B 8 -21.30 9.27 -4.35
C VAL B 8 -19.78 9.25 -4.32
N GLY B 9 -19.22 8.05 -4.20
CA GLY B 9 -17.77 7.93 -4.17
C GLY B 9 -17.24 7.27 -5.43
N GLY B 10 -16.04 7.68 -5.83
CA GLY B 10 -15.40 7.11 -7.00
C GLY B 10 -14.12 6.41 -6.59
N ASN B 11 -14.07 5.10 -6.76
CA ASN B 11 -12.90 4.30 -6.40
C ASN B 11 -12.14 3.96 -7.67
N TRP B 12 -11.09 4.72 -7.97
CA TRP B 12 -10.29 4.49 -9.16
C TRP B 12 -9.51 3.20 -9.08
N LYS B 13 -9.35 2.66 -7.87
CA LYS B 13 -8.60 1.43 -7.66
C LYS B 13 -7.20 1.59 -8.22
N MET B 14 -6.62 0.53 -8.76
CA MET B 14 -5.28 0.64 -9.31
C MET B 14 -5.23 1.13 -10.76
N HIS B 15 -5.70 2.35 -10.95
CA HIS B 15 -5.70 2.97 -12.27
C HIS B 15 -5.28 4.42 -12.09
N GLY B 16 -4.58 4.95 -13.08
CA GLY B 16 -4.20 6.35 -13.01
C GLY B 16 -2.76 6.71 -13.23
N SER B 17 -2.59 7.82 -13.92
CA SER B 17 -1.29 8.39 -14.21
C SER B 17 -1.53 9.88 -14.10
N LYS B 18 -0.48 10.67 -14.02
CA LYS B 18 -0.65 12.11 -13.92
C LYS B 18 -1.45 12.73 -15.05
N ASN B 19 -1.28 12.22 -16.27
CA ASN B 19 -2.03 12.76 -17.40
C ASN B 19 -3.49 12.33 -17.40
N SER B 20 -3.74 11.08 -17.02
CA SER B 20 -5.11 10.55 -17.00
C SER B 20 -5.92 11.09 -15.83
N ILE B 21 -5.26 11.26 -14.68
CA ILE B 21 -5.93 11.78 -13.51
C ILE B 21 -6.30 13.24 -13.75
N ARG B 22 -5.36 14.00 -14.31
CA ARG B 22 -5.57 15.41 -14.60
C ARG B 22 -6.81 15.62 -15.47
N ASP B 23 -6.92 14.86 -16.55
CA ASP B 23 -8.06 15.01 -17.44
C ASP B 23 -9.39 14.59 -16.79
N ILE B 24 -9.35 13.74 -15.75
CA ILE B 24 -10.56 13.33 -15.06
C ILE B 24 -10.99 14.49 -14.15
N CYS B 25 -10.00 15.14 -13.54
CA CYS B 25 -10.29 16.26 -12.66
C CYS B 25 -10.85 17.43 -13.45
N ASN B 26 -10.31 17.68 -14.64
CA ASN B 26 -10.78 18.78 -15.48
C ASN B 26 -12.25 18.55 -15.83
N THR B 27 -12.59 17.30 -16.12
CA THR B 27 -13.96 16.95 -16.45
C THR B 27 -14.86 17.22 -15.25
N LEU B 28 -14.38 16.88 -14.05
CA LEU B 28 -15.15 17.09 -12.82
C LEU B 28 -15.39 18.56 -12.50
N LYS B 29 -14.32 19.35 -12.46
CA LYS B 29 -14.48 20.75 -12.15
C LYS B 29 -15.10 21.53 -13.30
N GLY B 30 -15.16 20.91 -14.48
CA GLY B 30 -15.75 21.59 -15.61
C GLY B 30 -17.18 21.16 -15.87
N ALA B 31 -17.73 20.33 -14.99
CA ALA B 31 -19.09 19.84 -15.16
C ALA B 31 -20.12 20.47 -14.23
N SER B 32 -21.40 20.24 -14.55
CA SER B 32 -22.50 20.73 -13.73
C SER B 32 -22.85 19.58 -12.80
N LEU B 33 -22.38 19.68 -11.57
CA LEU B 33 -22.63 18.67 -10.57
C LEU B 33 -23.72 19.09 -9.61
N ASP B 34 -24.60 18.14 -9.29
CA ASP B 34 -25.70 18.38 -8.36
C ASP B 34 -25.09 18.74 -6.99
N PRO B 35 -25.27 20.00 -6.56
CA PRO B 35 -24.78 20.55 -5.29
C PRO B 35 -25.17 19.75 -4.06
N ASN B 36 -26.39 19.21 -4.07
CA ASN B 36 -26.91 18.42 -2.96
C ASN B 36 -26.07 17.21 -2.65
N VAL B 37 -25.41 16.67 -3.66
CA VAL B 37 -24.61 15.48 -3.51
C VAL B 37 -23.22 15.69 -2.91
N GLU B 38 -22.83 14.76 -2.03
CA GLU B 38 -21.52 14.78 -1.39
C GLU B 38 -20.68 13.83 -2.25
N VAL B 39 -19.71 14.38 -2.97
CA VAL B 39 -18.86 13.58 -3.86
C VAL B 39 -17.45 13.33 -3.31
N ILE B 40 -16.98 12.11 -3.52
CA ILE B 40 -15.67 11.65 -3.05
C ILE B 40 -14.98 10.79 -4.12
N VAL B 41 -13.67 10.95 -4.26
CA VAL B 41 -12.92 10.12 -5.20
C VAL B 41 -11.70 9.54 -4.46
N ALA B 42 -11.41 8.27 -4.71
CA ALA B 42 -10.30 7.59 -4.07
C ALA B 42 -9.22 7.24 -5.08
N CYS B 43 -8.09 7.94 -5.00
CA CYS B 43 -7.01 7.69 -5.94
C CYS B 43 -5.84 6.96 -5.30
N PRO B 44 -4.90 6.45 -6.12
CA PRO B 44 -3.74 5.73 -5.58
C PRO B 44 -2.91 6.68 -4.72
N ALA B 45 -2.36 6.17 -3.63
CA ALA B 45 -1.56 6.96 -2.70
C ALA B 45 -0.49 7.88 -3.31
N PRO B 46 0.18 7.46 -4.41
CA PRO B 46 1.20 8.31 -5.01
C PRO B 46 0.68 9.63 -5.60
N TYR B 47 -0.64 9.73 -5.78
CA TYR B 47 -1.23 10.93 -6.37
C TYR B 47 -2.09 11.78 -5.45
N LEU B 48 -2.19 11.40 -4.18
CA LEU B 48 -3.01 12.15 -3.22
C LEU B 48 -2.82 13.66 -3.27
N ASP B 49 -1.60 14.13 -3.06
CA ASP B 49 -1.30 15.55 -3.06
C ASP B 49 -1.59 16.17 -4.44
N TYR B 50 -1.28 15.43 -5.49
CA TYR B 50 -1.51 15.88 -6.86
C TYR B 50 -3.01 16.12 -7.18
N CYS B 51 -3.87 15.14 -6.87
CA CYS B 51 -5.29 15.26 -7.12
C CYS B 51 -5.92 16.41 -6.36
N ARG B 52 -5.51 16.57 -5.11
CA ARG B 52 -6.04 17.63 -4.26
C ARG B 52 -5.82 19.00 -4.89
N SER B 53 -4.79 19.13 -5.71
CA SER B 53 -4.50 20.40 -6.36
C SER B 53 -5.36 20.64 -7.59
N LEU B 54 -5.83 19.57 -8.21
CA LEU B 54 -6.63 19.67 -9.42
C LEU B 54 -8.13 19.52 -9.19
N LEU B 55 -8.49 18.96 -8.04
CA LEU B 55 -9.89 18.73 -7.70
C LEU B 55 -10.64 19.98 -7.23
N PRO B 56 -11.89 20.16 -7.66
CA PRO B 56 -12.68 21.32 -7.26
C PRO B 56 -13.11 21.07 -5.81
N PRO B 57 -13.35 22.13 -5.03
CA PRO B 57 -13.76 21.98 -3.63
C PRO B 57 -15.02 21.14 -3.40
N SER B 58 -15.73 20.82 -4.47
CA SER B 58 -16.94 20.02 -4.35
C SER B 58 -16.69 18.51 -4.30
N VAL B 59 -15.44 18.11 -4.51
CA VAL B 59 -15.07 16.69 -4.48
C VAL B 59 -14.00 16.48 -3.41
N ALA B 60 -14.30 15.64 -2.43
CA ALA B 60 -13.37 15.36 -1.35
C ALA B 60 -12.45 14.21 -1.77
N LEU B 61 -11.24 14.23 -1.25
CA LEU B 61 -10.22 13.24 -1.57
C LEU B 61 -10.11 12.09 -0.56
N ALA B 62 -10.06 10.86 -1.07
CA ALA B 62 -9.95 9.69 -0.23
C ALA B 62 -8.78 8.83 -0.63
N ALA B 63 -8.31 8.04 0.32
CA ALA B 63 -7.25 7.08 0.07
C ALA B 63 -8.01 5.76 -0.05
N GLN B 64 -7.38 4.74 -0.63
CA GLN B 64 -8.05 3.46 -0.81
C GLN B 64 -7.81 2.47 0.33
N ASN B 65 -6.92 2.82 1.25
CA ASN B 65 -6.60 1.95 2.38
C ASN B 65 -5.59 2.66 3.27
N CYS B 66 -5.36 2.12 4.47
CA CYS B 66 -4.40 2.69 5.40
C CYS B 66 -4.14 1.68 6.50
N TYR B 67 -3.14 1.91 7.34
CA TYR B 67 -2.86 0.96 8.42
C TYR B 67 -3.48 1.47 9.71
N LYS B 68 -3.40 0.65 10.76
CA LYS B 68 -4.01 0.95 12.05
C LYS B 68 -3.21 1.74 13.08
N VAL B 69 -2.08 2.30 12.69
CA VAL B 69 -1.25 3.05 13.62
C VAL B 69 -0.63 4.25 12.88
N GLU B 70 -0.14 5.25 13.60
CA GLU B 70 0.42 6.42 12.93
C GLU B 70 1.86 6.27 12.40
N GLN B 71 2.74 5.57 13.11
CA GLN B 71 4.11 5.34 12.71
C GLN B 71 4.46 3.86 13.03
N GLY B 72 5.47 3.41 12.31
CA GLY B 72 5.84 2.04 12.56
C GLY B 72 6.65 1.29 11.52
N ALA B 73 7.15 0.13 11.92
CA ALA B 73 7.94 -0.72 11.05
C ALA B 73 6.95 -1.53 10.23
N PHE B 74 6.31 -0.85 9.29
CA PHE B 74 5.35 -1.51 8.43
C PHE B 74 5.59 -1.06 7.00
N THR B 75 6.61 -1.69 6.39
CA THR B 75 7.02 -1.40 5.04
C THR B 75 5.83 -1.50 4.10
N GLY B 76 5.64 -0.48 3.27
CA GLY B 76 4.54 -0.48 2.33
C GLY B 76 3.21 0.06 2.84
N GLU B 77 3.12 0.32 4.15
CA GLU B 77 1.88 0.84 4.71
C GLU B 77 1.88 2.36 4.84
N ILE B 78 0.69 2.96 4.78
CA ILE B 78 0.55 4.41 4.94
C ILE B 78 -0.42 4.65 6.09
N SER B 79 -0.30 5.79 6.75
CA SER B 79 -1.17 6.07 7.88
C SER B 79 -2.16 7.21 7.62
N PRO B 80 -3.20 7.33 8.46
CA PRO B 80 -4.19 8.40 8.31
C PRO B 80 -3.48 9.75 8.35
N GLY B 81 -2.42 9.82 9.16
CA GLY B 81 -1.63 11.04 9.28
C GLY B 81 -1.01 11.48 7.97
N MET B 82 -0.49 10.52 7.21
CA MET B 82 0.13 10.81 5.92
C MET B 82 -0.96 11.25 4.94
N ILE B 83 -2.10 10.58 5.01
CA ILE B 83 -3.22 10.88 4.13
C ILE B 83 -3.71 12.31 4.33
N LYS B 84 -3.88 12.71 5.59
CA LYS B 84 -4.33 14.07 5.89
C LYS B 84 -3.25 15.07 5.44
N ASP B 85 -2.00 14.71 5.69
CA ASP B 85 -0.85 15.53 5.34
C ASP B 85 -0.84 15.85 3.84
N CYS B 86 -1.44 14.96 3.05
CA CYS B 86 -1.48 15.14 1.61
C CYS B 86 -2.83 15.63 1.07
N GLY B 87 -3.65 16.20 1.94
CA GLY B 87 -4.94 16.72 1.50
C GLY B 87 -6.17 15.81 1.59
N GLY B 88 -5.95 14.53 1.91
CA GLY B 88 -7.07 13.61 2.00
C GLY B 88 -7.98 13.82 3.19
N GLN B 89 -9.26 13.47 3.03
CA GLN B 89 -10.24 13.61 4.10
C GLN B 89 -10.97 12.31 4.38
N TRP B 90 -10.90 11.38 3.43
CA TRP B 90 -11.56 10.10 3.54
C TRP B 90 -10.61 8.94 3.29
N VAL B 91 -11.03 7.75 3.72
CA VAL B 91 -10.25 6.54 3.49
C VAL B 91 -11.23 5.39 3.33
N ILE B 92 -11.00 4.57 2.31
CA ILE B 92 -11.86 3.41 2.09
C ILE B 92 -11.27 2.27 2.91
N LEU B 93 -12.08 1.65 3.76
CA LEU B 93 -11.61 0.54 4.56
C LEU B 93 -12.50 -0.68 4.45
N GLY B 94 -11.90 -1.86 4.40
CA GLY B 94 -12.67 -3.09 4.31
C GLY B 94 -13.18 -3.47 2.94
N HIS B 95 -12.66 -2.82 1.92
CA HIS B 95 -13.08 -3.13 0.56
C HIS B 95 -12.90 -4.62 0.29
N SER B 96 -13.81 -5.19 -0.49
CA SER B 96 -13.80 -6.62 -0.84
C SER B 96 -12.46 -7.11 -1.40
N GLU B 97 -11.75 -6.26 -2.14
CA GLU B 97 -10.46 -6.65 -2.70
C GLU B 97 -9.40 -6.76 -1.60
N ARG B 98 -9.48 -5.90 -0.58
CA ARG B 98 -8.54 -5.95 0.52
C ARG B 98 -8.82 -7.20 1.35
N ARG B 99 -10.12 -7.48 1.55
CA ARG B 99 -10.56 -8.62 2.33
C ARG B 99 -10.27 -9.97 1.67
N HIS B 100 -10.74 -10.14 0.44
CA HIS B 100 -10.57 -11.40 -0.26
C HIS B 100 -9.26 -11.63 -1.00
N VAL B 101 -8.74 -10.63 -1.70
CA VAL B 101 -7.47 -10.83 -2.40
C VAL B 101 -6.29 -10.63 -1.45
N PHE B 102 -6.41 -9.68 -0.53
CA PHE B 102 -5.33 -9.40 0.41
C PHE B 102 -5.45 -9.90 1.82
N LYS B 103 -6.42 -10.78 2.04
CA LYS B 103 -6.61 -11.41 3.32
C LYS B 103 -6.81 -10.48 4.53
N GLU B 104 -7.50 -9.36 4.39
CA GLU B 104 -7.71 -8.49 5.54
C GLU B 104 -8.96 -8.96 6.30
N ASP B 105 -8.77 -9.32 7.56
CA ASP B 105 -9.84 -9.82 8.41
C ASP B 105 -10.59 -8.70 9.15
N ASP B 106 -11.77 -9.05 9.66
CA ASP B 106 -12.63 -8.13 10.39
C ASP B 106 -12.00 -7.38 11.56
N VAL B 107 -11.15 -8.05 12.33
CA VAL B 107 -10.51 -7.42 13.47
C VAL B 107 -9.53 -6.34 13.03
N LEU B 108 -8.75 -6.65 12.00
CA LEU B 108 -7.79 -5.70 11.47
C LEU B 108 -8.53 -4.48 10.93
N ILE B 109 -9.55 -4.73 10.12
CA ILE B 109 -10.36 -3.66 9.54
C ILE B 109 -10.98 -2.85 10.68
N GLY B 110 -11.41 -3.54 11.73
CA GLY B 110 -12.00 -2.86 12.87
C GLY B 110 -11.02 -1.87 13.47
N GLU B 111 -9.77 -2.30 13.65
CA GLU B 111 -8.73 -1.45 14.22
C GLU B 111 -8.35 -0.28 13.30
N LYS B 112 -8.37 -0.52 11.99
CA LYS B 112 -8.03 0.53 11.03
C LYS B 112 -9.08 1.63 11.10
N ILE B 113 -10.34 1.22 11.14
CA ILE B 113 -11.46 2.15 11.22
C ILE B 113 -11.37 2.99 12.50
N LYS B 114 -11.05 2.34 13.61
CA LYS B 114 -10.92 3.02 14.90
C LYS B 114 -9.81 4.08 14.85
N HIS B 115 -8.65 3.71 14.33
CA HIS B 115 -7.51 4.62 14.23
C HIS B 115 -7.77 5.74 13.21
N ALA B 116 -8.38 5.40 12.08
CA ALA B 116 -8.68 6.38 11.05
C ALA B 116 -9.61 7.46 11.60
N LEU B 117 -10.62 7.04 12.35
CA LEU B 117 -11.57 7.98 12.93
C LEU B 117 -10.98 8.90 14.00
N GLU B 118 -10.16 8.35 14.89
CA GLU B 118 -9.58 9.19 15.94
C GLU B 118 -8.54 10.14 15.33
N SER B 119 -8.12 9.85 14.11
CA SER B 119 -7.15 10.69 13.43
C SER B 119 -7.79 11.84 12.66
N GLY B 120 -9.12 11.92 12.73
CA GLY B 120 -9.84 12.99 12.05
C GLY B 120 -10.15 12.72 10.58
N LEU B 121 -10.23 11.44 10.21
CA LEU B 121 -10.53 11.06 8.85
C LEU B 121 -11.94 10.46 8.79
N ASN B 122 -12.63 10.68 7.68
CA ASN B 122 -13.96 10.11 7.52
C ASN B 122 -13.74 8.73 6.92
N VAL B 123 -14.68 7.81 7.14
CA VAL B 123 -14.50 6.47 6.61
C VAL B 123 -15.67 5.86 5.86
N ILE B 124 -15.36 5.25 4.72
CA ILE B 124 -16.33 4.53 3.93
C ILE B 124 -16.00 3.08 4.28
N ALA B 125 -16.81 2.48 5.15
CA ALA B 125 -16.59 1.11 5.58
C ALA B 125 -17.36 0.15 4.68
N CYS B 126 -16.64 -0.77 4.05
CA CYS B 126 -17.26 -1.72 3.13
C CYS B 126 -17.58 -3.08 3.72
N ILE B 127 -18.67 -3.66 3.23
CA ILE B 127 -19.09 -4.98 3.64
C ILE B 127 -19.58 -5.68 2.38
N GLY B 128 -19.77 -6.99 2.44
CA GLY B 128 -20.23 -7.74 1.28
C GLY B 128 -19.96 -9.23 1.42
N GLU B 129 -20.83 -10.06 0.85
CA GLU B 129 -20.66 -11.51 0.92
C GLU B 129 -20.25 -12.13 -0.43
N LEU B 130 -19.56 -13.25 -0.38
CA LEU B 130 -19.12 -13.94 -1.58
C LEU B 130 -20.23 -14.74 -2.25
N LEU B 131 -19.95 -15.23 -3.46
CA LEU B 131 -20.94 -16.02 -4.19
C LEU B 131 -21.41 -17.26 -3.43
N GLU B 132 -20.49 -17.94 -2.74
CA GLU B 132 -20.84 -19.13 -1.97
C GLU B 132 -21.68 -18.80 -0.74
N ASP B 133 -21.41 -17.65 -0.13
CA ASP B 133 -22.15 -17.23 1.06
C ASP B 133 -23.62 -17.07 0.71
N ARG B 134 -23.89 -16.48 -0.45
CA ARG B 134 -25.26 -16.25 -0.88
C ARG B 134 -26.01 -17.54 -1.22
N GLU B 135 -25.35 -18.44 -1.93
CA GLU B 135 -25.99 -19.70 -2.30
C GLU B 135 -26.33 -20.55 -1.08
N ALA B 136 -25.70 -20.23 0.05
CA ALA B 136 -25.93 -20.97 1.28
C ALA B 136 -26.76 -20.18 2.30
N GLY B 137 -27.53 -19.21 1.82
CA GLY B 137 -28.35 -18.39 2.69
C GLY B 137 -27.54 -17.78 3.82
N ARG B 138 -26.34 -17.31 3.50
CA ARG B 138 -25.46 -16.71 4.49
C ARG B 138 -25.23 -15.22 4.31
N THR B 139 -25.95 -14.59 3.39
CA THR B 139 -25.80 -13.17 3.13
C THR B 139 -25.85 -12.35 4.43
N GLU B 140 -26.85 -12.63 5.26
CA GLU B 140 -27.02 -11.90 6.51
C GLU B 140 -25.97 -12.23 7.55
N GLU B 141 -25.67 -13.51 7.73
CA GLU B 141 -24.67 -13.89 8.72
C GLU B 141 -23.33 -13.20 8.45
N VAL B 142 -22.96 -13.12 7.18
CA VAL B 142 -21.70 -12.50 6.78
C VAL B 142 -21.75 -10.98 6.93
N CYS B 143 -22.78 -10.36 6.36
CA CYS B 143 -22.93 -8.92 6.42
C CYS B 143 -23.11 -8.39 7.85
N PHE B 144 -23.86 -9.11 8.68
CA PHE B 144 -24.07 -8.67 10.05
C PHE B 144 -22.77 -8.73 10.86
N ARG B 145 -22.04 -9.83 10.70
CA ARG B 145 -20.77 -10.00 11.39
C ARG B 145 -19.77 -8.90 11.00
N GLN B 146 -19.78 -8.53 9.72
CA GLN B 146 -18.88 -7.49 9.22
C GLN B 146 -19.27 -6.11 9.72
N ILE B 147 -20.56 -5.82 9.77
CA ILE B 147 -21.00 -4.52 10.23
C ILE B 147 -20.85 -4.44 11.76
N LYS B 148 -20.92 -5.60 12.41
CA LYS B 148 -20.77 -5.64 13.85
C LYS B 148 -19.37 -5.13 14.22
N HIS B 149 -18.35 -5.68 13.58
CA HIS B 149 -16.99 -5.26 13.86
C HIS B 149 -16.74 -3.79 13.51
N ILE B 150 -17.55 -3.25 12.59
CA ILE B 150 -17.42 -1.86 12.19
C ILE B 150 -18.06 -0.95 13.24
N ALA B 151 -19.31 -1.26 13.59
CA ALA B 151 -20.06 -0.48 14.58
C ALA B 151 -19.29 -0.42 15.90
N SER B 152 -18.70 -1.54 16.27
CA SER B 152 -17.93 -1.65 17.49
C SER B 152 -16.75 -0.67 17.56
N ASN B 153 -16.32 -0.17 16.41
CA ASN B 153 -15.20 0.76 16.34
C ASN B 153 -15.60 2.16 15.92
N VAL B 154 -16.89 2.41 15.79
CA VAL B 154 -17.37 3.73 15.41
C VAL B 154 -18.02 4.42 16.61
N LYS B 155 -17.49 5.58 16.99
CA LYS B 155 -18.04 6.34 18.11
C LYS B 155 -18.92 7.45 17.55
N ASP B 156 -18.46 8.06 16.46
CA ASP B 156 -19.20 9.12 15.81
C ASP B 156 -19.59 8.73 14.38
N TRP B 157 -20.84 8.27 14.24
CA TRP B 157 -21.37 7.83 12.95
C TRP B 157 -21.51 8.92 11.91
N SER B 158 -21.45 10.18 12.31
CA SER B 158 -21.56 11.27 11.37
C SER B 158 -20.35 11.29 10.45
N LYS B 159 -19.35 10.45 10.75
CA LYS B 159 -18.13 10.42 9.97
C LYS B 159 -17.93 9.18 9.13
N VAL B 160 -18.87 8.25 9.19
CA VAL B 160 -18.73 7.05 8.38
C VAL B 160 -19.89 6.85 7.43
N VAL B 161 -19.61 6.18 6.33
CA VAL B 161 -20.59 5.83 5.33
C VAL B 161 -20.34 4.35 5.10
N ILE B 162 -21.41 3.57 4.99
CA ILE B 162 -21.30 2.15 4.77
C ILE B 162 -21.50 1.88 3.28
N ALA B 163 -20.73 0.94 2.74
CA ALA B 163 -20.87 0.60 1.33
C ALA B 163 -21.10 -0.90 1.22
N TYR B 164 -22.20 -1.29 0.59
CA TYR B 164 -22.51 -2.70 0.43
C TYR B 164 -22.03 -3.20 -0.93
N GLU B 165 -21.23 -4.27 -0.91
CA GLU B 165 -20.71 -4.85 -2.14
C GLU B 165 -21.24 -6.24 -2.43
N PRO B 166 -22.04 -6.36 -3.48
CA PRO B 166 -22.60 -7.66 -3.85
C PRO B 166 -21.50 -8.43 -4.60
N VAL B 167 -20.32 -8.53 -3.99
CA VAL B 167 -19.19 -9.22 -4.61
C VAL B 167 -19.59 -10.58 -5.13
N TRP B 168 -20.70 -11.10 -4.59
CA TRP B 168 -21.21 -12.39 -5.02
C TRP B 168 -21.59 -12.30 -6.49
N ALA B 169 -21.74 -11.06 -6.97
CA ALA B 169 -22.12 -10.83 -8.36
C ALA B 169 -20.93 -10.45 -9.24
N ILE B 170 -20.11 -11.44 -9.57
CA ILE B 170 -18.95 -11.24 -10.44
C ILE B 170 -19.08 -12.16 -11.64
N ALA B 176 -26.95 -8.72 -9.61
CA ALA B 176 -27.87 -8.33 -8.54
C ALA B 176 -28.85 -7.31 -9.07
N THR B 177 -30.08 -7.35 -8.58
CA THR B 177 -31.11 -6.40 -9.00
C THR B 177 -31.32 -5.31 -7.97
N PRO B 178 -31.87 -4.16 -8.40
CA PRO B 178 -32.15 -3.03 -7.53
C PRO B 178 -32.98 -3.54 -6.34
N ASP B 179 -33.79 -4.57 -6.61
CA ASP B 179 -34.63 -5.16 -5.58
C ASP B 179 -33.78 -5.91 -4.56
N GLN B 180 -32.80 -6.67 -5.03
CA GLN B 180 -31.94 -7.42 -4.13
C GLN B 180 -31.05 -6.50 -3.29
N ALA B 181 -30.54 -5.43 -3.92
CA ALA B 181 -29.68 -4.47 -3.22
C ALA B 181 -30.46 -3.71 -2.14
N GLN B 182 -31.71 -3.35 -2.46
CA GLN B 182 -32.57 -2.63 -1.51
C GLN B 182 -32.84 -3.53 -0.30
N GLU B 183 -33.05 -4.81 -0.53
CA GLU B 183 -33.31 -5.74 0.56
C GLU B 183 -32.14 -5.83 1.55
N VAL B 184 -30.92 -5.94 1.03
CA VAL B 184 -29.75 -6.03 1.89
C VAL B 184 -29.54 -4.72 2.65
N HIS B 185 -29.62 -3.60 1.93
CA HIS B 185 -29.45 -2.29 2.58
C HIS B 185 -30.49 -2.16 3.68
N SER B 186 -31.71 -2.58 3.38
CA SER B 186 -32.80 -2.52 4.36
C SER B 186 -32.46 -3.32 5.64
N LYS B 187 -31.98 -4.54 5.48
CA LYS B 187 -31.63 -5.37 6.62
C LYS B 187 -30.47 -4.78 7.40
N VAL B 188 -29.48 -4.23 6.70
CA VAL B 188 -28.34 -3.62 7.38
C VAL B 188 -28.82 -2.49 8.26
N ARG B 189 -29.69 -1.63 7.71
CA ARG B 189 -30.21 -0.51 8.49
C ARG B 189 -30.95 -1.07 9.72
N ASN B 190 -31.74 -2.11 9.52
CA ASN B 190 -32.47 -2.73 10.63
C ASN B 190 -31.50 -3.21 11.70
N TRP B 191 -30.37 -3.78 11.28
CA TRP B 191 -29.37 -4.26 12.23
C TRP B 191 -28.88 -3.09 13.06
N LEU B 192 -28.54 -1.99 12.38
CA LEU B 192 -28.07 -0.78 13.02
C LEU B 192 -29.12 -0.22 13.97
N SER B 193 -30.37 -0.18 13.53
CA SER B 193 -31.46 0.34 14.34
C SER B 193 -31.67 -0.41 15.65
N THR B 194 -31.55 -1.73 15.61
CA THR B 194 -31.77 -2.51 16.82
C THR B 194 -30.52 -2.73 17.66
N ASN B 195 -29.35 -2.81 17.01
CA ASN B 195 -28.10 -3.05 17.73
C ASN B 195 -27.28 -1.82 18.13
N VAL B 196 -27.58 -0.66 17.53
CA VAL B 196 -26.88 0.58 17.85
C VAL B 196 -27.90 1.57 18.36
N SER B 197 -28.65 2.20 17.45
CA SER B 197 -29.69 3.15 17.84
C SER B 197 -30.56 3.52 16.64
N ALA B 198 -31.77 3.97 16.94
CA ALA B 198 -32.71 4.37 15.91
C ALA B 198 -32.17 5.63 15.22
N ASP B 199 -31.61 6.52 16.05
CA ASP B 199 -31.05 7.79 15.60
C ASP B 199 -30.00 7.54 14.53
N VAL B 200 -29.00 6.72 14.85
CA VAL B 200 -27.92 6.38 13.94
C VAL B 200 -28.38 5.67 12.67
N ALA B 201 -29.31 4.73 12.81
CA ALA B 201 -29.82 3.99 11.66
C ALA B 201 -30.52 4.93 10.67
N SER B 202 -31.10 6.00 11.19
CA SER B 202 -31.82 6.98 10.35
C SER B 202 -30.93 7.90 9.54
N LYS B 203 -29.77 8.23 10.10
CA LYS B 203 -28.85 9.16 9.48
C LYS B 203 -27.65 8.58 8.70
N VAL B 204 -27.38 7.29 8.87
CA VAL B 204 -26.23 6.70 8.20
C VAL B 204 -26.48 6.42 6.71
N ARG B 205 -25.56 6.89 5.86
CA ARG B 205 -25.69 6.65 4.43
C ARG B 205 -25.20 5.23 4.11
N ILE B 206 -25.97 4.51 3.30
CA ILE B 206 -25.57 3.18 2.89
C ILE B 206 -25.50 3.22 1.36
N GLN B 207 -24.28 3.23 0.83
CA GLN B 207 -24.02 3.26 -0.61
C GLN B 207 -24.07 1.89 -1.24
N TYR B 208 -24.52 1.86 -2.49
CA TYR B 208 -24.56 0.61 -3.23
C TYR B 208 -23.20 0.46 -3.92
N GLY B 209 -22.44 -0.55 -3.53
CA GLY B 209 -21.12 -0.76 -4.10
C GLY B 209 -21.09 -1.79 -5.21
N GLY B 210 -22.25 -2.05 -5.80
CA GLY B 210 -22.32 -3.00 -6.89
C GLY B 210 -21.96 -2.30 -8.20
N SER B 211 -22.28 -2.93 -9.31
CA SER B 211 -21.98 -2.35 -10.62
C SER B 211 -22.93 -1.20 -10.90
N VAL B 212 -22.37 0.01 -10.96
CA VAL B 212 -23.17 1.20 -11.22
C VAL B 212 -22.75 1.87 -12.52
N ASN B 213 -23.74 2.19 -13.34
CA ASN B 213 -23.48 2.86 -14.62
C ASN B 213 -24.60 3.86 -14.88
N ALA B 214 -24.43 4.66 -15.93
CA ALA B 214 -25.41 5.67 -16.28
C ALA B 214 -26.79 5.06 -16.50
N GLY B 215 -26.81 3.80 -16.94
CA GLY B 215 -28.07 3.14 -17.23
C GLY B 215 -28.95 2.71 -16.07
N ASN B 216 -28.36 2.47 -14.90
CA ASN B 216 -29.15 2.01 -13.75
C ASN B 216 -29.06 2.87 -12.49
N CYS B 217 -28.26 3.94 -12.54
CA CYS B 217 -28.08 4.79 -11.37
C CYS B 217 -29.35 5.46 -10.84
N LYS B 218 -30.23 5.91 -11.73
CA LYS B 218 -31.45 6.56 -11.28
C LYS B 218 -32.40 5.61 -10.56
N GLU B 219 -32.52 4.39 -11.07
CA GLU B 219 -33.39 3.40 -10.45
C GLU B 219 -32.84 2.94 -9.09
N LEU B 220 -31.55 2.62 -9.04
CA LEU B 220 -30.92 2.19 -7.79
C LEU B 220 -31.02 3.29 -6.74
N GLY B 221 -30.78 4.53 -7.17
CA GLY B 221 -30.84 5.66 -6.27
C GLY B 221 -32.20 5.97 -5.68
N ARG B 222 -33.26 5.62 -6.40
CA ARG B 222 -34.62 5.89 -5.92
C ARG B 222 -34.99 4.97 -4.74
N LYS B 223 -34.33 3.81 -4.64
CA LYS B 223 -34.59 2.87 -3.55
C LYS B 223 -34.45 3.59 -2.21
N PRO B 224 -35.47 3.49 -1.35
CA PRO B 224 -35.47 4.16 -0.04
C PRO B 224 -34.24 3.95 0.85
N ASP B 225 -33.62 2.78 0.79
CA ASP B 225 -32.46 2.52 1.63
C ASP B 225 -31.11 2.59 0.96
N ILE B 226 -31.08 3.08 -0.28
CA ILE B 226 -29.84 3.24 -1.02
C ILE B 226 -29.55 4.75 -1.01
N ASP B 227 -28.48 5.13 -0.33
CA ASP B 227 -28.13 6.55 -0.21
C ASP B 227 -26.97 7.00 -1.07
N GLY B 228 -26.66 6.23 -2.10
CA GLY B 228 -25.56 6.62 -2.97
C GLY B 228 -24.83 5.44 -3.58
N PHE B 229 -23.63 5.69 -4.08
CA PHE B 229 -22.85 4.65 -4.72
C PHE B 229 -21.37 4.75 -4.41
N LEU B 230 -20.68 3.64 -4.64
CA LEU B 230 -19.24 3.53 -4.51
C LEU B 230 -18.95 2.96 -5.89
N VAL B 231 -18.67 3.85 -6.83
CA VAL B 231 -18.43 3.48 -8.22
C VAL B 231 -16.99 3.05 -8.49
N GLY B 232 -16.86 2.10 -9.42
CA GLY B 232 -15.55 1.59 -9.79
C GLY B 232 -15.06 2.10 -11.13
N GLY B 233 -15.06 1.21 -12.13
CA GLY B 233 -14.58 1.57 -13.46
C GLY B 233 -15.16 2.83 -14.09
N ALA B 234 -16.44 3.06 -13.86
CA ALA B 234 -17.10 4.24 -14.40
C ALA B 234 -16.63 5.54 -13.74
N SER B 235 -15.99 5.45 -12.58
CA SER B 235 -15.54 6.66 -11.90
C SER B 235 -14.36 7.29 -12.64
N LEU B 236 -13.84 6.56 -13.62
CA LEU B 236 -12.71 7.00 -14.42
C LEU B 236 -13.19 7.63 -15.73
N LYS B 237 -14.48 7.53 -16.01
CA LYS B 237 -15.05 8.04 -17.24
C LYS B 237 -15.98 9.24 -17.04
N PRO B 238 -16.36 9.92 -18.15
CA PRO B 238 -17.24 11.09 -18.10
C PRO B 238 -18.60 10.69 -17.54
N GLU B 239 -18.90 9.40 -17.67
CA GLU B 239 -20.14 8.82 -17.20
C GLU B 239 -20.31 9.01 -15.68
N PHE B 240 -19.20 9.25 -14.98
CA PHE B 240 -19.23 9.46 -13.53
C PHE B 240 -20.07 10.70 -13.19
N VAL B 241 -20.05 11.69 -14.08
CA VAL B 241 -20.83 12.91 -13.87
C VAL B 241 -22.32 12.62 -13.85
N GLN B 242 -22.77 11.76 -14.77
CA GLN B 242 -24.17 11.40 -14.83
C GLN B 242 -24.57 10.62 -13.60
N ILE B 243 -23.65 9.79 -13.11
CA ILE B 243 -23.92 8.99 -11.94
C ILE B 243 -24.04 9.87 -10.70
N ILE B 244 -23.27 10.94 -10.67
CA ILE B 244 -23.33 11.88 -9.54
C ILE B 244 -24.70 12.57 -9.58
N ASN B 245 -25.16 12.90 -10.79
CA ASN B 245 -26.44 13.57 -10.96
C ASN B 245 -27.64 12.60 -11.00
N ALA B 246 -27.47 11.40 -10.47
CA ALA B 246 -28.53 10.40 -10.47
C ALA B 246 -29.88 10.87 -9.93
N MET B 247 -29.87 11.71 -8.89
CA MET B 247 -31.11 12.18 -8.31
C MET B 247 -31.61 13.49 -8.87
N GLN B 248 -31.00 14.05 -9.91
CA GLN B 248 -31.58 15.28 -10.46
C GLN B 248 -32.69 14.74 -11.35
#